data_1R3E
#
_entry.id   1R3E
#
_cell.length_a   98.862
_cell.length_b   159.337
_cell.length_c   44.545
_cell.angle_alpha   90.00
_cell.angle_beta   97.77
_cell.angle_gamma   90.00
#
_symmetry.space_group_name_H-M   'C 1 2 1'
#
loop_
_entity.id
_entity.type
_entity.pdbx_description
1 polymer "5'-R(*CP*UP*GP*UP*GP*UP*(FHU)P*CP*GP*AP*UP*CP*CP*AP*CP*AP*G)-3'"
2 polymer "5'-R(*CP*UP*GP*UP*GP*UP*UP*CP*GP*AP*UP*CP*CP*AP*CP*AP*G)-3'"
3 polymer 'tRNA pseudouridine synthase B'
4 water water
#
loop_
_entity_poly.entity_id
_entity_poly.type
_entity_poly.pdbx_seq_one_letter_code
_entity_poly.pdbx_strand_id
1 'polyribonucleotide' CUGUGU(FHU)CGAUCCACAG C
2 'polyribonucleotide' CUGUGUUCGAUCCACAG D,E
3 'polypeptide(L)'
;MKHGILVAYKPKGPTSHDVVDEVRKKLKTRKVGHGGTLDPFACGVLIIGVNQGTRILEFYKDLKKVYWVKMRLGLITETF
DITGEVVEERECNVTEEEIREAIFSFVGEYDQVPPAYSAKKYKGERLYKLAREGKIINLPPKRVKIFKIWDVNIEGRDVS
FRVEVSPGTYIRSLCMDIGYKLGCGATAVELVRESVGPHTIEESLNVFEAAPEEIENRIIPLEKCLEWLPRVVVHQESTK
MILNGSQIHLEMLKEWDGFKKGEVVRVFNEEGRLLALAEAERNSSFLETLRKHERNERVLTLRKVFNTR
;
A
#
# COMPACT_ATOMS: atom_id res chain seq x y z
N MET D 1 -12.57 20.79 -10.08
CA MET D 1 -12.55 19.65 -9.09
C MET D 1 -11.63 18.56 -9.60
N LYS D 2 -10.49 18.39 -8.94
CA LYS D 2 -9.50 17.39 -9.35
C LYS D 2 -9.78 15.97 -8.83
N HIS D 3 -9.32 14.98 -9.61
CA HIS D 3 -9.49 13.57 -9.29
C HIS D 3 -8.15 12.87 -9.45
N GLY D 4 -7.79 12.04 -8.48
CA GLY D 4 -6.54 11.33 -8.60
C GLY D 4 -5.78 10.94 -7.35
N ILE D 5 -4.49 10.65 -7.55
CA ILE D 5 -3.60 10.22 -6.50
C ILE D 5 -2.52 11.20 -6.09
N LEU D 6 -2.31 11.28 -4.78
CA LEU D 6 -1.32 12.16 -4.20
C LEU D 6 -0.35 11.34 -3.36
N VAL D 7 0.93 11.42 -3.69
CA VAL D 7 1.94 10.71 -2.91
C VAL D 7 2.30 11.63 -1.74
N ALA D 8 1.62 11.45 -0.61
CA ALA D 8 1.85 12.28 0.57
C ALA D 8 2.97 11.73 1.43
N TYR D 9 3.60 12.59 2.22
CA TYR D 9 4.65 12.16 3.13
C TYR D 9 4.09 12.34 4.53
N LYS D 10 4.11 11.30 5.34
CA LYS D 10 3.60 11.46 6.70
C LYS D 10 4.73 11.53 7.71
N PRO D 11 4.88 12.66 8.41
CA PRO D 11 5.95 12.74 9.40
C PRO D 11 5.63 11.85 10.60
N LYS D 12 6.61 11.70 11.48
CA LYS D 12 6.45 10.91 12.69
C LYS D 12 5.48 11.65 13.60
N GLY D 13 4.43 11.00 14.06
CA GLY D 13 3.54 11.67 14.98
C GLY D 13 2.08 11.58 14.65
N PRO D 14 1.67 12.12 13.51
CA PRO D 14 0.28 12.10 13.06
C PRO D 14 -0.21 10.71 12.72
N THR D 15 -1.53 10.52 12.80
CA THR D 15 -2.13 9.25 12.45
C THR D 15 -2.26 9.36 10.94
N SER D 16 -2.61 8.28 10.27
CA SER D 16 -2.73 8.37 8.82
C SER D 16 -3.96 9.19 8.47
N HIS D 17 -5.00 9.09 9.29
CA HIS D 17 -6.19 9.89 9.00
C HIS D 17 -5.93 11.40 9.22
N ASP D 18 -4.95 11.73 10.05
CA ASP D 18 -4.65 13.15 10.27
C ASP D 18 -4.26 13.70 8.90
N VAL D 19 -3.49 12.90 8.14
CA VAL D 19 -3.04 13.32 6.81
C VAL D 19 -4.23 13.54 5.92
N VAL D 20 -5.20 12.63 6.02
CA VAL D 20 -6.39 12.73 5.21
C VAL D 20 -7.17 14.00 5.54
N ASP D 21 -7.15 14.38 6.83
CA ASP D 21 -7.87 15.57 7.27
C ASP D 21 -7.18 16.85 6.80
N GLU D 22 -5.86 16.80 6.73
CA GLU D 22 -5.09 17.95 6.26
C GLU D 22 -5.44 18.19 4.79
N VAL D 23 -5.53 17.13 4.00
CA VAL D 23 -5.87 17.24 2.58
C VAL D 23 -7.31 17.70 2.39
N ARG D 24 -8.23 17.17 3.19
CA ARG D 24 -9.63 17.60 3.07
C ARG D 24 -9.70 19.07 3.44
N LYS D 25 -8.87 19.49 4.38
CA LYS D 25 -8.88 20.88 4.81
C LYS D 25 -8.33 21.82 3.74
N LYS D 26 -7.08 21.59 3.33
CA LYS D 26 -6.42 22.43 2.33
C LYS D 26 -7.11 22.47 0.96
N LEU D 27 -7.66 21.34 0.52
CA LEU D 27 -8.33 21.26 -0.78
C LEU D 27 -9.82 21.54 -0.68
N LYS D 28 -10.31 21.72 0.54
CA LYS D 28 -11.72 22.00 0.73
C LYS D 28 -12.55 20.96 0.00
N THR D 29 -12.12 19.70 0.08
CA THR D 29 -12.82 18.58 -0.57
C THR D 29 -13.17 17.47 0.43
N ARG D 30 -14.41 17.04 0.40
CA ARG D 30 -14.89 16.00 1.31
C ARG D 30 -14.43 14.58 1.03
N LYS D 31 -14.44 14.17 -0.25
CA LYS D 31 -14.05 12.82 -0.64
C LYS D 31 -12.53 12.55 -0.69
N VAL D 32 -11.98 12.11 0.42
CA VAL D 32 -10.55 11.81 0.50
C VAL D 32 -10.33 10.57 1.35
N GLY D 33 -9.36 9.75 0.95
CA GLY D 33 -9.04 8.54 1.69
C GLY D 33 -7.58 8.18 1.45
N HIS D 34 -7.06 7.18 2.15
CA HIS D 34 -5.68 6.78 1.89
C HIS D 34 -5.64 5.34 1.43
N GLY D 35 -4.49 4.91 0.89
CA GLY D 35 -4.40 3.55 0.39
C GLY D 35 -3.49 2.62 1.14
N GLY D 36 -3.46 2.76 2.46
CA GLY D 36 -2.61 1.90 3.24
C GLY D 36 -2.05 2.66 4.42
N THR D 37 -2.52 2.30 5.62
CA THR D 37 -2.13 2.92 6.88
C THR D 37 -0.68 2.80 7.30
N LEU D 38 -0.16 3.90 7.82
CA LEU D 38 1.19 3.93 8.35
C LEU D 38 0.95 4.24 9.84
N ASP D 39 1.59 3.49 10.73
CA ASP D 39 1.42 3.71 12.16
C ASP D 39 1.92 5.12 12.52
N PRO D 40 1.39 5.70 13.61
CA PRO D 40 1.78 7.04 14.09
C PRO D 40 3.28 7.21 14.36
N PHE D 41 3.93 6.16 14.86
CA PHE D 41 5.35 6.29 15.15
C PHE D 41 6.22 6.28 13.91
N ALA D 42 5.65 5.92 12.76
CA ALA D 42 6.43 5.84 11.51
C ALA D 42 6.29 7.03 10.58
N CYS D 43 7.09 7.05 9.54
CA CYS D 43 6.97 8.13 8.57
C CYS D 43 7.23 7.57 7.19
N GLY D 44 6.93 8.36 6.17
CA GLY D 44 7.16 7.89 4.82
C GLY D 44 5.98 8.06 3.91
N VAL D 45 5.96 7.29 2.83
CA VAL D 45 4.91 7.36 1.84
C VAL D 45 3.55 6.85 2.28
N LEU D 46 2.55 7.70 2.09
CA LEU D 46 1.18 7.39 2.41
C LEU D 46 0.40 7.81 1.17
N ILE D 47 -0.21 6.85 0.47
CA ILE D 47 -0.96 7.17 -0.73
C ILE D 47 -2.33 7.80 -0.41
N ILE D 48 -2.59 8.96 -1.00
CA ILE D 48 -3.85 9.66 -0.78
C ILE D 48 -4.66 9.75 -2.06
N GLY D 49 -5.94 9.44 -1.92
CA GLY D 49 -6.84 9.48 -3.07
C GLY D 49 -7.84 10.61 -2.91
N VAL D 50 -8.00 11.40 -3.97
CA VAL D 50 -8.90 12.54 -3.98
C VAL D 50 -10.05 12.34 -4.95
N ASN D 51 -11.27 12.62 -4.49
CA ASN D 51 -12.48 12.43 -5.29
C ASN D 51 -12.57 11.06 -5.94
N GLN D 52 -12.80 11.02 -7.24
CA GLN D 52 -12.85 9.75 -7.98
C GLN D 52 -11.59 8.92 -7.74
N GLY D 53 -10.53 9.59 -7.31
CA GLY D 53 -9.28 8.89 -7.04
C GLY D 53 -9.40 7.92 -5.88
N THR D 54 -10.35 8.12 -4.97
CA THR D 54 -10.47 7.18 -3.87
C THR D 54 -10.84 5.83 -4.44
N ARG D 55 -11.46 5.84 -5.62
CA ARG D 55 -11.91 4.61 -6.25
C ARG D 55 -10.84 3.71 -6.84
N ILE D 56 -9.57 4.13 -6.78
CA ILE D 56 -8.51 3.26 -7.28
C ILE D 56 -7.49 2.98 -6.18
N LEU D 57 -7.83 3.35 -4.95
CA LEU D 57 -6.95 3.12 -3.83
C LEU D 57 -6.82 1.63 -3.55
N GLU D 58 -7.86 0.87 -3.88
CA GLU D 58 -7.80 -0.56 -3.61
C GLU D 58 -6.61 -1.19 -4.33
N PHE D 59 -6.23 -0.62 -5.47
CA PHE D 59 -5.12 -1.16 -6.24
C PHE D 59 -3.75 -1.04 -5.58
N TYR D 60 -3.66 -0.27 -4.50
CA TYR D 60 -2.38 -0.10 -3.82
C TYR D 60 -2.14 -1.14 -2.74
N LYS D 61 -3.19 -1.86 -2.36
CA LYS D 61 -3.07 -2.89 -1.34
C LYS D 61 -2.12 -4.02 -1.79
N ASP D 62 -2.14 -4.31 -3.08
CA ASP D 62 -1.34 -5.41 -3.60
C ASP D 62 0.08 -5.07 -4.02
N LEU D 63 0.49 -3.82 -3.89
CA LEU D 63 1.86 -3.44 -4.27
C LEU D 63 2.86 -3.78 -3.17
N LYS D 64 4.14 -3.84 -3.56
CA LYS D 64 5.22 -4.11 -2.62
C LYS D 64 5.64 -2.79 -1.99
N LYS D 65 6.12 -2.85 -0.75
CA LYS D 65 6.55 -1.66 -0.03
C LYS D 65 7.99 -1.85 0.38
N VAL D 66 8.71 -0.74 0.59
CA VAL D 66 10.09 -0.81 1.02
C VAL D 66 10.24 0.02 2.28
N TYR D 67 10.81 -0.57 3.32
CA TYR D 67 10.83 -0.04 4.68
C TYR D 67 12.26 0.12 5.22
N TRP D 68 12.52 1.20 5.98
CA TRP D 68 13.81 1.25 6.66
C TRP D 68 13.64 1.35 8.16
N VAL D 69 13.78 0.16 8.79
CA VAL D 69 13.55 0.07 10.24
C VAL D 69 14.86 0.06 11.04
N LYS D 70 14.62 0.46 12.28
CA LYS D 70 15.64 0.43 13.30
C LYS D 70 14.95 -0.22 14.50
N MET D 71 15.54 -1.28 15.03
CA MET D 71 14.94 -1.96 16.17
C MET D 71 15.92 -1.99 17.32
N ARG D 72 15.39 -2.21 18.51
CA ARG D 72 16.19 -2.27 19.72
C ARG D 72 16.00 -3.66 20.30
N LEU D 73 17.10 -4.41 20.32
CA LEU D 73 17.09 -5.77 20.83
C LEU D 73 16.96 -5.79 22.34
N GLY D 74 16.32 -6.84 22.84
CA GLY D 74 16.15 -6.97 24.28
C GLY D 74 15.02 -6.15 24.83
N LEU D 75 14.29 -5.45 23.97
CA LEU D 75 13.17 -4.66 24.46
C LEU D 75 11.87 -5.20 23.88
N ILE D 76 10.84 -5.28 24.72
CA ILE D 76 9.52 -5.74 24.31
C ILE D 76 8.44 -4.84 24.91
N THR D 77 7.51 -4.39 24.06
CA THR D 77 6.42 -3.51 24.48
C THR D 77 5.12 -4.16 24.07
N GLU D 78 3.98 -3.62 24.50
CA GLU D 78 2.69 -4.22 24.14
C GLU D 78 2.32 -4.04 22.68
N THR D 79 2.69 -2.90 22.11
CA THR D 79 2.36 -2.60 20.73
C THR D 79 3.41 -3.06 19.73
N PHE D 80 4.56 -3.52 20.24
CA PHE D 80 5.68 -3.94 19.39
C PHE D 80 6.44 -2.72 18.86
N ASP D 81 6.05 -1.51 19.26
CA ASP D 81 6.82 -0.34 18.85
C ASP D 81 7.20 0.53 20.05
N ILE D 82 8.03 1.53 19.78
CA ILE D 82 8.52 2.42 20.82
C ILE D 82 7.43 3.20 21.57
N THR D 83 6.21 3.23 21.08
CA THR D 83 5.16 3.97 21.80
C THR D 83 4.43 3.10 22.81
N GLY D 84 4.66 1.80 22.73
CA GLY D 84 3.98 0.91 23.65
C GLY D 84 4.60 0.81 25.03
N GLU D 85 3.75 0.61 26.02
CA GLU D 85 4.20 0.45 27.39
C GLU D 85 5.17 -0.74 27.43
N VAL D 86 6.36 -0.52 27.97
CA VAL D 86 7.39 -1.55 28.05
C VAL D 86 6.95 -2.74 28.89
N VAL D 87 7.14 -3.96 28.38
CA VAL D 87 6.76 -5.16 29.12
C VAL D 87 8.00 -5.89 29.63
N GLU D 88 9.14 -5.62 28.99
CA GLU D 88 10.39 -6.25 29.35
C GLU D 88 11.54 -5.53 28.65
N GLU D 89 12.66 -5.37 29.32
CA GLU D 89 13.79 -4.68 28.70
C GLU D 89 15.13 -5.30 29.14
N ARG D 90 15.35 -6.55 28.77
CA ARG D 90 16.57 -7.29 29.10
C ARG D 90 17.76 -6.89 28.24
N GLU D 91 18.93 -7.47 28.53
CA GLU D 91 20.15 -7.18 27.77
C GLU D 91 20.52 -8.36 26.88
N CYS D 92 20.11 -8.30 25.62
CA CYS D 92 20.38 -9.36 24.66
C CYS D 92 21.88 -9.58 24.49
N ASN D 93 22.35 -10.79 24.80
CA ASN D 93 23.76 -11.12 24.67
C ASN D 93 23.95 -11.97 23.42
N VAL D 94 24.18 -11.30 22.30
CA VAL D 94 24.36 -11.98 21.03
C VAL D 94 25.50 -11.33 20.25
N THR D 95 26.07 -12.06 19.30
CA THR D 95 27.19 -11.49 18.57
C THR D 95 26.77 -11.05 17.16
N GLU D 96 27.33 -9.90 16.73
CA GLU D 96 26.98 -9.39 15.41
C GLU D 96 26.62 -10.53 14.44
N GLU D 97 27.32 -11.66 14.70
CA GLU D 97 27.31 -12.74 13.73
C GLU D 97 25.99 -13.51 13.73
N GLU D 98 25.54 -13.89 14.94
CA GLU D 98 24.22 -14.50 15.02
C GLU D 98 23.12 -13.55 14.57
N ILE D 99 23.16 -12.31 15.13
CA ILE D 99 22.20 -11.28 14.73
C ILE D 99 22.02 -11.27 13.20
N ARG D 100 23.18 -11.30 12.50
CA ARG D 100 23.24 -11.35 11.03
C ARG D 100 22.54 -12.57 10.40
N GLU D 101 22.76 -13.73 11.04
CA GLU D 101 22.12 -14.96 10.60
C GLU D 101 20.59 -14.90 10.78
N ALA D 102 20.15 -14.47 11.97
CA ALA D 102 18.74 -14.44 12.30
C ALA D 102 17.95 -13.50 11.39
N ILE D 103 18.60 -12.39 10.96
CA ILE D 103 17.89 -11.39 10.15
C ILE D 103 17.75 -11.83 8.71
N PHE D 104 18.74 -12.65 8.27
CA PHE D 104 18.69 -13.10 6.87
C PHE D 104 18.00 -14.47 6.73
N SER D 105 17.72 -15.15 7.85
CA SER D 105 16.94 -16.37 7.72
C SER D 105 15.46 -16.03 7.46
N PHE D 106 15.11 -14.74 7.69
CA PHE D 106 13.71 -14.42 7.40
C PHE D 106 13.49 -14.19 5.90
N VAL D 107 14.61 -13.93 5.18
CA VAL D 107 14.51 -13.66 3.76
C VAL D 107 13.80 -14.81 3.02
N GLY D 108 12.88 -14.64 2.09
CA GLY D 108 12.12 -15.77 1.59
C GLY D 108 10.79 -15.62 2.31
N GLU D 109 9.79 -16.42 1.99
CA GLU D 109 8.52 -16.24 2.69
C GLU D 109 8.44 -16.91 4.05
N TYR D 110 7.46 -16.47 4.85
CA TYR D 110 7.17 -17.19 6.09
C TYR D 110 5.84 -16.76 6.70
N ASP D 111 5.43 -17.47 7.73
CA ASP D 111 4.10 -17.31 8.30
C ASP D 111 4.16 -16.35 9.45
N GLN D 112 3.68 -15.13 9.19
CA GLN D 112 3.70 -14.07 10.19
C GLN D 112 2.40 -13.82 10.96
N VAL D 113 2.51 -13.77 12.29
CA VAL D 113 1.35 -13.49 13.14
C VAL D 113 1.26 -11.96 13.27
N PRO D 114 0.09 -11.37 12.95
CA PRO D 114 -0.06 -9.91 13.07
C PRO D 114 -0.06 -9.40 14.52
N PRO D 115 0.34 -8.14 14.73
CA PRO D 115 0.37 -7.56 16.08
C PRO D 115 -1.04 -7.40 16.65
N ALA D 116 -1.18 -7.46 17.97
CA ALA D 116 -2.49 -7.31 18.59
C ALA D 116 -2.97 -5.90 18.31
N TYR D 117 -2.04 -4.97 18.14
CA TYR D 117 -2.41 -3.61 17.82
C TYR D 117 -2.39 -3.46 16.30
N SER D 118 -3.52 -3.78 15.67
CA SER D 118 -3.66 -3.71 14.24
C SER D 118 -5.09 -3.41 13.90
N ALA D 119 -5.34 -3.15 12.62
CA ALA D 119 -6.68 -2.82 12.16
C ALA D 119 -7.54 -4.02 11.81
N LYS D 120 -7.03 -5.22 11.99
CA LYS D 120 -7.84 -6.39 11.67
C LYS D 120 -9.13 -6.38 12.51
N LYS D 121 -10.16 -7.05 12.00
CA LYS D 121 -11.44 -7.11 12.69
C LYS D 121 -11.69 -8.48 13.30
N TYR D 122 -12.28 -8.49 14.48
CA TYR D 122 -12.66 -9.72 15.17
C TYR D 122 -14.08 -9.44 15.64
N LYS D 123 -15.04 -10.08 14.99
CA LYS D 123 -16.45 -9.92 15.29
C LYS D 123 -16.90 -8.48 15.27
N GLY D 124 -16.55 -7.80 14.18
CA GLY D 124 -16.94 -6.41 14.02
C GLY D 124 -16.12 -5.37 14.74
N GLU D 125 -15.15 -5.79 15.57
CA GLU D 125 -14.33 -4.79 16.30
C GLU D 125 -12.89 -4.77 15.85
N ARG D 126 -12.29 -3.58 15.85
CA ARG D 126 -10.89 -3.40 15.49
C ARG D 126 -10.01 -4.07 16.54
N LEU D 127 -8.92 -4.69 16.10
CA LEU D 127 -8.01 -5.33 17.05
C LEU D 127 -7.22 -4.36 17.92
N TYR D 128 -7.08 -3.08 17.53
CA TYR D 128 -6.34 -2.13 18.36
C TYR D 128 -7.27 -1.55 19.43
N LYS D 129 -8.57 -1.65 19.21
CA LYS D 129 -9.56 -1.13 20.16
C LYS D 129 -9.69 -2.19 21.29
N LEU D 130 -9.76 -3.45 20.91
CA LEU D 130 -9.80 -4.55 21.88
C LEU D 130 -8.53 -4.58 22.73
N ALA D 131 -7.40 -4.20 22.12
CA ALA D 131 -6.11 -4.18 22.81
C ALA D 131 -6.05 -3.07 23.85
N ARG D 132 -6.64 -1.92 23.52
CA ARG D 132 -6.68 -0.79 24.46
C ARG D 132 -7.55 -1.24 25.64
N GLU D 133 -8.50 -2.13 25.36
CA GLU D 133 -9.39 -2.69 26.37
C GLU D 133 -8.61 -3.75 27.14
N GLY D 134 -7.41 -4.05 26.67
CA GLY D 134 -6.61 -5.07 27.33
C GLY D 134 -6.89 -6.50 26.84
N LYS D 135 -7.45 -6.64 25.64
CA LYS D 135 -7.75 -7.95 25.07
C LYS D 135 -6.75 -8.15 23.93
N ILE D 136 -5.63 -8.78 24.24
CA ILE D 136 -4.54 -9.05 23.30
C ILE D 136 -4.81 -10.30 22.45
N ILE D 137 -5.13 -10.09 21.18
CA ILE D 137 -5.45 -11.19 20.28
C ILE D 137 -4.31 -11.61 19.32
N ASN D 138 -4.12 -12.93 19.18
CA ASN D 138 -3.12 -13.49 18.28
C ASN D 138 -3.90 -14.19 17.18
N LEU D 139 -4.00 -13.52 16.05
CA LEU D 139 -4.73 -14.04 14.91
C LEU D 139 -3.92 -15.12 14.20
N PRO D 140 -4.56 -15.86 13.27
CA PRO D 140 -3.80 -16.89 12.57
C PRO D 140 -2.69 -16.22 11.76
N PRO D 141 -1.59 -16.93 11.53
CA PRO D 141 -0.44 -16.42 10.77
C PRO D 141 -0.82 -16.20 9.31
N LYS D 142 -0.19 -15.23 8.67
CA LYS D 142 -0.45 -14.98 7.24
C LYS D 142 0.83 -15.26 6.47
N ARG D 143 0.70 -15.89 5.31
CA ARG D 143 1.85 -16.20 4.47
C ARG D 143 2.41 -14.88 3.96
N VAL D 144 3.58 -14.52 4.45
CA VAL D 144 4.22 -13.27 4.07
C VAL D 144 5.48 -13.52 3.25
N LYS D 145 5.94 -12.49 2.56
CA LYS D 145 7.12 -12.63 1.73
C LYS D 145 8.10 -11.47 1.84
N ILE D 146 9.29 -11.76 2.37
CA ILE D 146 10.34 -10.78 2.50
C ILE D 146 11.26 -11.03 1.34
N PHE D 147 11.16 -10.20 0.30
CA PHE D 147 11.97 -10.37 -0.89
C PHE D 147 13.45 -10.12 -0.70
N LYS D 148 13.82 -9.14 0.12
CA LYS D 148 15.24 -8.86 0.31
C LYS D 148 15.49 -7.88 1.45
N ILE D 149 16.63 -8.06 2.12
CA ILE D 149 17.03 -7.21 3.23
C ILE D 149 18.45 -6.70 2.98
N TRP D 150 18.64 -5.38 2.99
CA TRP D 150 19.96 -4.83 2.77
C TRP D 150 20.27 -3.65 3.69
N ASP D 151 21.45 -3.05 3.50
CA ASP D 151 21.88 -1.92 4.32
C ASP D 151 21.82 -2.18 5.82
N VAL D 152 22.26 -3.36 6.24
CA VAL D 152 22.23 -3.71 7.66
C VAL D 152 23.34 -3.02 8.45
N ASN D 153 22.96 -2.37 9.54
CA ASN D 153 23.93 -1.68 10.39
C ASN D 153 23.69 -2.05 11.84
N ILE D 154 24.71 -2.59 12.49
CA ILE D 154 24.58 -3.01 13.88
C ILE D 154 25.50 -2.22 14.81
N GLU D 155 25.08 -2.13 16.07
CA GLU D 155 25.82 -1.42 17.11
C GLU D 155 25.02 -1.47 18.41
N GLY D 156 25.41 -2.38 19.29
CA GLY D 156 24.71 -2.52 20.56
C GLY D 156 23.45 -3.31 20.26
N ARG D 157 22.35 -2.97 20.93
CA ARG D 157 21.11 -3.67 20.66
C ARG D 157 20.34 -2.91 19.59
N ASP D 158 21.03 -1.96 18.96
CA ASP D 158 20.46 -1.15 17.90
C ASP D 158 20.76 -1.72 16.51
N VAL D 159 19.74 -2.28 15.88
CA VAL D 159 19.89 -2.87 14.55
C VAL D 159 18.95 -2.20 13.57
N SER D 160 19.47 -1.87 12.38
CA SER D 160 18.65 -1.24 11.36
C SER D 160 18.94 -1.84 10.00
N PHE D 161 18.00 -1.69 9.08
CA PHE D 161 18.17 -2.23 7.72
C PHE D 161 16.98 -1.87 6.88
N ARG D 162 17.09 -2.11 5.58
CA ARG D 162 15.98 -1.85 4.68
C ARG D 162 15.38 -3.21 4.32
N VAL D 163 14.14 -3.20 3.86
CA VAL D 163 13.51 -4.46 3.53
C VAL D 163 12.35 -4.21 2.58
N GLU D 164 12.24 -5.04 1.55
CA GLU D 164 11.15 -4.95 0.59
C GLU D 164 10.24 -6.11 0.96
N VAL D 165 8.97 -5.83 1.22
CA VAL D 165 8.05 -6.88 1.63
C VAL D 165 6.80 -6.94 0.79
N SER D 166 6.08 -8.05 0.93
CA SER D 166 4.85 -8.26 0.19
C SER D 166 3.70 -7.65 0.97
N PRO D 167 2.54 -7.47 0.31
CA PRO D 167 1.35 -6.90 0.92
C PRO D 167 0.93 -7.65 2.18
N GLY D 168 0.57 -6.90 3.22
CA GLY D 168 0.12 -7.54 4.45
C GLY D 168 1.19 -7.79 5.48
N THR D 169 2.44 -7.50 5.16
CA THR D 169 3.53 -7.71 6.08
C THR D 169 3.68 -6.61 7.12
N TYR D 170 3.81 -7.00 8.38
CA TYR D 170 4.03 -6.04 9.45
C TYR D 170 5.49 -6.02 9.83
N ILE D 171 6.13 -4.85 9.73
CA ILE D 171 7.52 -4.75 10.12
C ILE D 171 7.66 -4.94 11.63
N ARG D 172 6.68 -4.46 12.38
CA ARG D 172 6.74 -4.62 13.83
C ARG D 172 6.81 -6.10 14.19
N SER D 173 6.03 -6.92 13.50
CA SER D 173 6.01 -8.36 13.77
C SER D 173 7.35 -8.95 13.36
N LEU D 174 7.85 -8.52 12.20
CA LEU D 174 9.14 -9.00 11.73
C LEU D 174 10.19 -8.74 12.80
N CYS D 175 10.29 -7.50 13.29
CA CYS D 175 11.30 -7.21 14.30
C CYS D 175 11.15 -8.15 15.50
N MET D 176 9.94 -8.28 16.05
CA MET D 176 9.76 -9.18 17.19
C MET D 176 10.17 -10.63 16.87
N ASP D 177 9.91 -11.10 15.66
CA ASP D 177 10.25 -12.48 15.27
C ASP D 177 11.77 -12.68 15.23
N ILE D 178 12.47 -11.73 14.61
CA ILE D 178 13.92 -11.80 14.53
C ILE D 178 14.45 -11.84 15.96
N GLY D 179 13.88 -11.00 16.81
CA GLY D 179 14.31 -10.98 18.20
C GLY D 179 14.06 -12.32 18.85
N TYR D 180 12.97 -12.96 18.43
CA TYR D 180 12.62 -14.26 18.97
C TYR D 180 13.67 -15.29 18.53
N LYS D 181 14.09 -15.20 17.26
CA LYS D 181 15.10 -16.11 16.76
C LYS D 181 16.32 -15.96 17.65
N LEU D 182 16.80 -14.73 17.78
CA LEU D 182 17.95 -14.46 18.64
C LEU D 182 17.59 -14.80 20.07
N GLY D 183 16.31 -15.08 20.28
CA GLY D 183 15.83 -15.44 21.60
C GLY D 183 15.98 -14.36 22.65
N CYS D 184 15.44 -13.17 22.40
CA CYS D 184 15.53 -12.10 23.38
C CYS D 184 14.57 -10.96 23.10
N GLY D 185 13.82 -11.07 22.01
CA GLY D 185 12.86 -10.02 21.68
C GLY D 185 13.48 -8.75 21.14
N ALA D 186 12.77 -8.11 20.22
CA ALA D 186 13.21 -6.86 19.61
C ALA D 186 11.97 -6.01 19.34
N THR D 187 12.14 -4.69 19.39
CA THR D 187 11.03 -3.78 19.16
C THR D 187 11.42 -2.64 18.24
N ALA D 188 10.55 -2.33 17.28
CA ALA D 188 10.77 -1.27 16.31
C ALA D 188 10.76 0.13 16.93
N VAL D 189 11.85 0.88 16.73
CA VAL D 189 11.93 2.22 17.31
C VAL D 189 11.81 3.32 16.27
N GLU D 190 12.10 3.01 15.01
CA GLU D 190 11.94 3.99 13.94
C GLU D 190 11.53 3.20 12.72
N LEU D 191 10.64 3.75 11.91
CA LEU D 191 10.18 3.06 10.72
C LEU D 191 9.94 4.07 9.62
N VAL D 192 10.48 3.81 8.44
CA VAL D 192 10.30 4.73 7.33
C VAL D 192 9.85 4.02 6.07
N ARG D 193 8.64 4.30 5.59
CA ARG D 193 8.22 3.65 4.36
C ARG D 193 8.83 4.45 3.22
N GLU D 194 9.87 3.90 2.59
CA GLU D 194 10.53 4.62 1.51
C GLU D 194 9.83 4.51 0.17
N SER D 195 8.93 3.54 0.04
CA SER D 195 8.19 3.42 -1.21
C SER D 195 7.01 2.48 -1.13
N VAL D 196 6.04 2.77 -1.99
CA VAL D 196 4.84 1.96 -2.12
C VAL D 196 4.73 1.78 -3.62
N GLY D 197 4.98 0.56 -4.08
CA GLY D 197 4.93 0.32 -5.51
C GLY D 197 5.99 1.17 -6.17
N PRO D 198 5.64 1.96 -7.20
CA PRO D 198 6.56 2.84 -7.94
C PRO D 198 6.78 4.17 -7.23
N HIS D 199 5.83 4.57 -6.39
CA HIS D 199 5.88 5.84 -5.68
C HIS D 199 6.90 5.86 -4.55
N THR D 200 7.83 6.82 -4.62
CA THR D 200 8.89 6.92 -3.64
C THR D 200 8.74 8.10 -2.70
N ILE D 201 9.51 8.06 -1.63
CA ILE D 201 9.52 9.10 -0.62
C ILE D 201 10.15 10.38 -1.18
N GLU D 202 10.99 10.24 -2.20
CA GLU D 202 11.63 11.40 -2.82
C GLU D 202 10.58 12.27 -3.52
N GLU D 203 9.49 11.65 -3.96
CA GLU D 203 8.43 12.40 -4.62
C GLU D 203 7.24 12.66 -3.70
N SER D 204 7.34 12.24 -2.45
CA SER D 204 6.24 12.46 -1.52
C SER D 204 6.15 13.93 -1.14
N LEU D 205 4.93 14.38 -0.83
CA LEU D 205 4.68 15.77 -0.46
C LEU D 205 4.18 15.81 0.99
N ASN D 206 4.89 16.53 1.85
CA ASN D 206 4.46 16.67 3.23
C ASN D 206 3.28 17.63 3.19
N VAL D 207 2.07 17.11 3.28
CA VAL D 207 0.90 17.97 3.22
C VAL D 207 0.71 18.93 4.37
N PHE D 208 1.39 18.69 5.49
CA PHE D 208 1.22 19.58 6.64
C PHE D 208 1.92 20.91 6.45
N GLU D 209 2.99 20.93 5.67
CA GLU D 209 3.71 22.18 5.44
C GLU D 209 3.50 22.74 4.04
N ALA D 210 2.71 22.06 3.22
CA ALA D 210 2.47 22.53 1.87
C ALA D 210 1.21 23.38 1.79
N ALA D 211 1.26 24.41 0.96
CA ALA D 211 0.12 25.28 0.79
C ALA D 211 -0.82 24.52 -0.14
N PRO D 212 -2.13 24.77 -0.04
CA PRO D 212 -3.12 24.10 -0.86
C PRO D 212 -2.88 24.04 -2.37
N GLU D 213 -2.23 25.07 -2.90
CA GLU D 213 -1.97 25.11 -4.34
C GLU D 213 -0.97 24.07 -4.80
N GLU D 214 0.06 23.80 -4.01
CA GLU D 214 1.03 22.81 -4.43
C GLU D 214 0.50 21.40 -4.19
N ILE D 215 -0.30 21.24 -3.14
CA ILE D 215 -0.88 19.92 -2.89
C ILE D 215 -1.67 19.62 -4.14
N GLU D 216 -2.42 20.61 -4.59
CA GLU D 216 -3.26 20.47 -5.76
C GLU D 216 -2.49 20.14 -7.04
N ASN D 217 -1.37 20.82 -7.25
CA ASN D 217 -0.57 20.57 -8.45
C ASN D 217 0.10 19.22 -8.34
N ARG D 218 0.22 18.73 -7.12
CA ARG D 218 0.87 17.45 -6.88
C ARG D 218 -0.02 16.23 -7.15
N ILE D 219 -1.32 16.44 -7.29
CA ILE D 219 -2.22 15.33 -7.55
C ILE D 219 -2.05 14.73 -8.95
N ILE D 220 -1.88 13.42 -9.00
CA ILE D 220 -1.72 12.68 -10.25
C ILE D 220 -3.13 12.38 -10.75
N PRO D 221 -3.48 12.89 -11.95
CA PRO D 221 -4.82 12.65 -12.52
C PRO D 221 -5.03 11.19 -12.87
N LEU D 222 -6.29 10.77 -12.93
CA LEU D 222 -6.65 9.39 -13.25
C LEU D 222 -5.94 8.79 -14.46
N GLU D 223 -5.88 9.53 -15.56
CA GLU D 223 -5.23 9.02 -16.77
C GLU D 223 -3.78 8.61 -16.57
N LYS D 224 -3.15 9.14 -15.51
CA LYS D 224 -1.75 8.81 -15.23
C LYS D 224 -1.57 7.87 -14.04
N CYS D 225 -2.67 7.37 -13.49
CA CYS D 225 -2.63 6.45 -12.35
C CYS D 225 -2.56 5.01 -12.82
N LEU D 226 -2.06 4.13 -11.96
CA LEU D 226 -1.96 2.70 -12.28
C LEU D 226 -1.32 2.52 -13.65
N GLU D 227 -0.23 3.24 -13.89
CA GLU D 227 0.45 3.16 -15.17
C GLU D 227 1.06 1.79 -15.41
N TRP D 228 1.09 0.95 -14.38
CA TRP D 228 1.65 -0.39 -14.50
C TRP D 228 0.64 -1.36 -15.07
N LEU D 229 -0.60 -0.90 -15.21
CA LEU D 229 -1.65 -1.74 -15.77
C LEU D 229 -1.76 -1.44 -17.26
N PRO D 230 -1.98 -2.49 -18.07
CA PRO D 230 -2.10 -2.37 -19.54
C PRO D 230 -3.17 -1.38 -20.00
N ARG D 231 -2.85 -0.63 -21.05
CA ARG D 231 -3.79 0.34 -21.61
C ARG D 231 -4.68 -0.37 -22.65
N VAL D 232 -5.69 0.36 -23.11
CA VAL D 232 -6.64 -0.14 -24.11
C VAL D 232 -7.43 1.07 -24.55
N VAL D 233 -7.64 1.20 -25.85
CA VAL D 233 -8.39 2.33 -26.36
C VAL D 233 -9.63 1.85 -27.11
N VAL D 234 -10.68 2.63 -27.07
CA VAL D 234 -11.93 2.29 -27.75
C VAL D 234 -12.26 3.40 -28.72
N HIS D 235 -13.17 3.14 -29.65
CA HIS D 235 -13.54 4.15 -30.63
C HIS D 235 -14.25 5.32 -29.95
N GLN D 236 -13.78 6.51 -30.24
CA GLN D 236 -14.32 7.75 -29.67
C GLN D 236 -15.84 7.83 -29.69
N GLU D 237 -16.48 6.82 -30.26
CA GLU D 237 -17.93 6.80 -30.35
C GLU D 237 -18.51 5.93 -29.24
N SER D 238 -17.74 4.92 -28.86
CA SER D 238 -18.15 3.96 -27.83
C SER D 238 -18.13 4.54 -26.42
N THR D 239 -17.44 5.68 -26.24
CA THR D 239 -17.34 6.30 -24.93
C THR D 239 -18.67 6.45 -24.21
N LYS D 240 -19.59 7.21 -24.79
CA LYS D 240 -20.90 7.42 -24.16
C LYS D 240 -21.54 6.09 -23.73
N MET D 241 -21.38 5.06 -24.56
CA MET D 241 -21.93 3.74 -24.23
C MET D 241 -21.34 3.24 -22.91
N ILE D 242 -20.02 3.09 -22.89
CA ILE D 242 -19.30 2.62 -21.72
C ILE D 242 -19.70 3.44 -20.49
N LEU D 243 -19.65 4.76 -20.62
CA LEU D 243 -20.01 5.64 -19.52
C LEU D 243 -21.44 5.39 -19.05
N ASN D 244 -22.19 4.59 -19.80
CA ASN D 244 -23.56 4.29 -19.45
C ASN D 244 -23.65 2.92 -18.80
N GLY D 245 -22.52 2.22 -18.76
CA GLY D 245 -22.50 0.90 -18.15
C GLY D 245 -22.44 -0.24 -19.16
N SER D 246 -22.22 0.08 -20.43
CA SER D 246 -22.16 -0.95 -21.46
C SER D 246 -20.87 -1.73 -21.34
N GLN D 247 -20.97 -3.06 -21.29
CA GLN D 247 -19.79 -3.89 -21.20
C GLN D 247 -19.01 -3.66 -22.49
N ILE D 248 -17.77 -4.15 -22.55
CA ILE D 248 -16.97 -3.94 -23.75
C ILE D 248 -16.90 -5.16 -24.67
N HIS D 249 -17.22 -4.93 -25.94
CA HIS D 249 -17.20 -5.97 -26.94
C HIS D 249 -16.16 -5.63 -28.01
N LEU D 250 -15.64 -6.65 -28.69
CA LEU D 250 -14.64 -6.48 -29.73
C LEU D 250 -15.01 -5.33 -30.66
N GLU D 251 -16.30 -5.24 -30.99
CA GLU D 251 -16.82 -4.21 -31.86
C GLU D 251 -16.21 -2.87 -31.47
N MET D 252 -16.59 -2.39 -30.29
CA MET D 252 -16.10 -1.13 -29.73
C MET D 252 -14.66 -1.38 -29.26
N LEU D 253 -13.69 -0.89 -30.03
CA LEU D 253 -12.31 -1.10 -29.68
C LEU D 253 -11.42 -0.17 -30.48
N LYS D 254 -10.21 -0.63 -30.76
CA LYS D 254 -9.19 0.14 -31.46
C LYS D 254 -7.79 -0.44 -31.33
N GLU D 255 -7.08 -0.03 -30.28
CA GLU D 255 -5.76 -0.54 -29.98
C GLU D 255 -5.71 -1.11 -28.56
N TRP D 256 -4.83 -2.09 -28.35
CA TRP D 256 -4.65 -2.72 -27.06
C TRP D 256 -3.18 -3.01 -26.83
N ASP D 257 -2.83 -3.49 -25.64
CA ASP D 257 -1.43 -3.76 -25.32
C ASP D 257 -1.20 -5.12 -24.68
N GLY D 258 -1.83 -6.16 -25.22
CA GLY D 258 -1.64 -7.48 -24.66
C GLY D 258 -2.07 -7.58 -23.20
N PHE D 259 -2.83 -8.62 -22.87
CA PHE D 259 -3.29 -8.78 -21.50
C PHE D 259 -3.82 -10.16 -21.14
N LYS D 260 -3.10 -10.84 -20.25
CA LYS D 260 -3.48 -12.18 -19.80
C LYS D 260 -4.88 -12.13 -19.18
N LYS D 261 -5.75 -13.01 -19.66
CA LYS D 261 -7.12 -13.11 -19.18
C LYS D 261 -7.19 -12.93 -17.66
N GLY D 262 -8.18 -12.15 -17.21
CA GLY D 262 -8.34 -11.90 -15.79
C GLY D 262 -7.64 -10.61 -15.38
N GLU D 263 -6.77 -10.14 -16.27
CA GLU D 263 -5.99 -8.93 -16.07
C GLU D 263 -6.91 -7.71 -15.98
N VAL D 264 -6.54 -6.76 -15.12
CA VAL D 264 -7.31 -5.52 -14.97
C VAL D 264 -6.62 -4.51 -15.88
N VAL D 265 -7.37 -3.92 -16.79
CA VAL D 265 -6.82 -2.95 -17.72
C VAL D 265 -7.70 -1.72 -17.74
N ARG D 266 -7.10 -0.58 -18.10
CA ARG D 266 -7.84 0.67 -18.13
C ARG D 266 -8.28 1.08 -19.53
N VAL D 267 -9.59 1.24 -19.70
CA VAL D 267 -10.16 1.62 -20.97
C VAL D 267 -10.06 3.12 -21.25
N PHE D 268 -9.34 3.45 -22.32
CA PHE D 268 -9.16 4.84 -22.71
C PHE D 268 -10.07 5.34 -23.83
N ASN D 269 -10.36 6.62 -23.75
CA ASN D 269 -11.26 7.32 -24.67
C ASN D 269 -10.65 7.70 -26.01
N GLU D 270 -9.43 7.27 -26.29
CA GLU D 270 -8.79 7.62 -27.56
C GLU D 270 -8.73 9.14 -27.72
N GLU D 271 -9.37 9.86 -26.83
CA GLU D 271 -9.23 11.31 -26.73
C GLU D 271 -8.43 11.56 -25.47
N GLY D 272 -7.96 10.46 -24.86
CA GLY D 272 -7.17 10.53 -23.65
C GLY D 272 -7.89 10.20 -22.35
N ARG D 273 -9.13 10.65 -22.21
CA ARG D 273 -9.98 10.39 -21.05
C ARG D 273 -10.00 8.91 -20.64
N LEU D 274 -9.92 8.70 -19.32
CA LEU D 274 -9.99 7.36 -18.76
C LEU D 274 -11.47 7.14 -18.56
N LEU D 275 -12.02 6.13 -19.23
CA LEU D 275 -13.44 5.84 -19.13
C LEU D 275 -13.74 4.86 -18.01
N ALA D 276 -12.88 3.86 -17.87
CA ALA D 276 -13.11 2.85 -16.87
C ALA D 276 -11.98 1.85 -16.76
N LEU D 277 -12.12 0.95 -15.80
CA LEU D 277 -11.16 -0.13 -15.58
C LEU D 277 -12.01 -1.35 -15.86
N ALA D 278 -11.46 -2.32 -16.55
CA ALA D 278 -12.23 -3.52 -16.85
C ALA D 278 -11.34 -4.74 -16.78
N GLU D 279 -11.97 -5.89 -16.62
CA GLU D 279 -11.24 -7.14 -16.53
C GLU D 279 -11.24 -7.88 -17.87
N ALA D 280 -10.10 -8.49 -18.19
CA ALA D 280 -9.89 -9.23 -19.43
C ALA D 280 -10.65 -10.56 -19.41
N GLU D 281 -11.54 -10.73 -20.41
CA GLU D 281 -12.28 -11.98 -20.51
C GLU D 281 -11.44 -13.06 -21.21
N ARG D 282 -10.39 -12.59 -21.91
CA ARG D 282 -9.51 -13.53 -22.60
C ARG D 282 -8.18 -12.87 -22.97
N ASN D 283 -7.31 -13.67 -23.62
CA ASN D 283 -6.01 -13.14 -24.04
C ASN D 283 -6.15 -12.25 -25.28
N SER D 284 -5.50 -11.07 -25.21
CA SER D 284 -5.58 -10.13 -26.33
C SER D 284 -4.55 -10.45 -27.41
N SER D 285 -4.95 -11.32 -28.33
CA SER D 285 -4.13 -11.72 -29.46
C SER D 285 -5.11 -12.45 -30.35
N PHE D 286 -6.22 -12.83 -29.72
CA PHE D 286 -7.30 -13.53 -30.38
C PHE D 286 -8.05 -12.57 -31.28
N LEU D 287 -7.36 -12.07 -32.30
CA LEU D 287 -7.96 -11.15 -33.27
C LEU D 287 -8.88 -11.98 -34.16
N GLU D 288 -9.07 -13.23 -33.76
CA GLU D 288 -9.93 -14.15 -34.50
C GLU D 288 -11.40 -13.75 -34.35
N THR D 289 -11.92 -13.12 -35.40
CA THR D 289 -13.31 -12.67 -35.31
C THR D 289 -14.10 -13.05 -36.56
N LEU D 290 -13.66 -14.15 -37.20
CA LEU D 290 -14.34 -14.58 -38.41
C LEU D 290 -15.86 -14.63 -38.25
N ARG D 291 -16.34 -14.29 -37.03
CA ARG D 291 -17.79 -14.37 -36.79
C ARG D 291 -18.27 -13.33 -35.77
N LYS D 292 -18.77 -13.94 -34.66
CA LYS D 292 -19.21 -13.13 -33.53
C LYS D 292 -18.32 -11.89 -33.35
N GLU D 297 -17.32 -9.97 -29.86
CA GLU D 297 -17.99 -9.22 -28.79
C GLU D 297 -17.27 -9.35 -27.44
N ARG D 298 -18.08 -9.69 -26.41
CA ARG D 298 -17.55 -9.83 -25.05
C ARG D 298 -16.02 -9.89 -25.01
N VAL D 299 -15.37 -8.91 -24.40
CA VAL D 299 -13.91 -8.89 -24.29
C VAL D 299 -13.43 -8.46 -22.91
N LEU D 300 -13.81 -7.25 -22.49
CA LEU D 300 -13.42 -6.72 -21.19
C LEU D 300 -14.68 -6.54 -20.33
N THR D 301 -14.63 -7.00 -19.09
CA THR D 301 -15.76 -6.85 -18.19
C THR D 301 -15.58 -5.61 -17.32
N LEU D 302 -16.62 -4.78 -17.27
CA LEU D 302 -16.59 -3.56 -16.50
C LEU D 302 -16.33 -3.80 -15.03
N ARG D 303 -15.34 -3.08 -14.49
CA ARG D 303 -14.98 -3.18 -13.09
C ARG D 303 -15.37 -1.91 -12.36
N LYS D 304 -15.01 -0.76 -12.94
CA LYS D 304 -15.33 0.54 -12.38
C LYS D 304 -15.45 1.52 -13.54
N VAL D 305 -16.52 2.30 -13.55
CA VAL D 305 -16.72 3.29 -14.61
C VAL D 305 -16.61 4.67 -13.98
N PHE D 306 -15.92 5.59 -14.66
CA PHE D 306 -15.71 6.88 -14.03
C PHE D 306 -16.72 7.92 -14.49
N ASN D 307 -18.00 7.66 -14.19
CA ASN D 307 -19.04 8.62 -14.53
C ASN D 307 -18.80 9.96 -13.83
N THR D 308 -19.44 11.02 -14.37
CA THR D 308 -19.22 12.30 -13.72
C THR D 308 -17.87 12.61 -13.06
N ARG D 309 -17.02 13.31 -13.80
CA ARG D 309 -15.67 13.57 -13.30
C ARG D 309 -15.15 14.96 -13.67
#